data_2AM4
#
_entry.id   2AM4
#
_cell.length_a   40.917
_cell.length_b   82.501
_cell.length_c   102.394
_cell.angle_alpha   90.00
_cell.angle_beta   90.00
_cell.angle_gamma   90.00
#
_symmetry.space_group_name_H-M   'P 21 21 21'
#
loop_
_entity.id
_entity.type
_entity.pdbx_description
1 polymer 'Alpha-1,3-mannosyl-glycoprotein 2-beta-N-acetylglucosaminyltransferase'
2 non-polymer 'MANGANESE (II) ION'
3 non-polymer "URIDINE-5'-DIPHOSPHATE-2-DEOXY-2-FLUORO-ALPHA-D-GLUCOSE"
4 non-polymer GLYCEROL
5 water water
#
_entity_poly.entity_id   1
_entity_poly.type   'polypeptide(L)'
_entity_poly.pdbx_seq_one_letter_code
;AVIPILVIACDRSTVRRCLDKLLHYRPSAELFPIIVSQDCGHEETAQVIASYGSAVTHIRQPDLSNIAVQPDHRKFQGYY
KIARHYRWALGQIFHNFNYPAAVVVEDDLEVAPDFFEYFQATYPLLKADPSLWCVSAWNDNGKEQMVDSSKPELLYRTDF
FPGLGWLLLAELWAELEPKWPKAFWDDWMRRPEQRKGRACVRPEISRTMTFGRKGVSHGQFFDQHLKFIKLNQQFVPFTQ
LDLSYLQQEAYDRDFLARVYGAPQLQVEKVRTNDRKELGEVRVQYTGRDSFKAFAKALGVMDDLKSGVPRAGYRGIVTFL
FRGRRVHLAPPQTWDGYDPSWT
;
_entity_poly.pdbx_strand_id   A
#
loop_
_chem_comp.id
_chem_comp.type
_chem_comp.name
_chem_comp.formula
GOL non-polymer GLYCEROL 'C3 H8 O3'
MN non-polymer 'MANGANESE (II) ION' 'Mn 2'
U2F non-polymer URIDINE-5'-DIPHOSPHATE-2-DEOXY-2-FLUORO-ALPHA-D-GLUCOSE 'C15 H23 F N2 O16 P2'
#
# COMPACT_ATOMS: atom_id res chain seq x y z
N ALA A 1 -5.09 -21.65 -1.35
CA ALA A 1 -5.78 -21.20 -0.11
C ALA A 1 -6.88 -20.20 -0.46
N VAL A 2 -7.85 -20.04 0.43
CA VAL A 2 -8.95 -19.11 0.18
C VAL A 2 -8.64 -17.72 0.75
N ILE A 3 -8.65 -16.73 -0.13
CA ILE A 3 -8.34 -15.35 0.24
C ILE A 3 -9.47 -14.42 -0.19
N PRO A 4 -10.35 -14.03 0.76
CA PRO A 4 -11.43 -13.13 0.35
C PRO A 4 -10.94 -11.72 0.04
N ILE A 5 -11.69 -11.02 -0.81
CA ILE A 5 -11.40 -9.63 -1.11
C ILE A 5 -12.49 -8.90 -0.31
N LEU A 6 -12.08 -8.05 0.62
CA LEU A 6 -13.03 -7.29 1.42
C LEU A 6 -13.10 -5.87 0.86
N VAL A 7 -14.21 -5.53 0.21
CA VAL A 7 -14.38 -4.20 -0.36
C VAL A 7 -15.14 -3.34 0.66
N ILE A 8 -14.54 -2.20 1.01
CA ILE A 8 -15.14 -1.27 1.99
C ILE A 8 -15.87 -0.18 1.21
N ALA A 9 -17.17 -0.06 1.42
CA ALA A 9 -18.00 0.94 0.73
C ALA A 9 -18.82 1.75 1.69
N CYS A 10 -19.38 2.86 1.18
CA CYS A 10 -20.20 3.75 1.99
C CYS A 10 -21.28 4.47 1.17
N ASP A 11 -20.94 5.61 0.58
CA ASP A 11 -21.94 6.35 -0.18
C ASP A 11 -21.57 6.81 -1.58
N ARG A 12 -20.64 6.11 -2.23
CA ARG A 12 -20.27 6.45 -3.60
C ARG A 12 -20.75 5.33 -4.51
N SER A 13 -21.59 5.68 -5.48
CA SER A 13 -22.12 4.69 -6.42
C SER A 13 -21.04 4.16 -7.35
N THR A 14 -19.90 4.84 -7.38
CA THR A 14 -18.78 4.42 -8.22
C THR A 14 -18.10 3.15 -7.68
N VAL A 15 -18.68 2.54 -6.66
CA VAL A 15 -18.14 1.27 -6.16
C VAL A 15 -18.34 0.32 -7.35
N ARG A 16 -19.22 0.72 -8.26
CA ARG A 16 -19.51 -0.05 -9.47
C ARG A 16 -18.21 -0.25 -10.28
N ARG A 17 -17.42 0.80 -10.43
CA ARG A 17 -16.19 0.69 -11.20
C ARG A 17 -15.23 -0.28 -10.53
N CYS A 18 -15.16 -0.20 -9.20
CA CYS A 18 -14.29 -1.07 -8.41
C CYS A 18 -14.67 -2.55 -8.60
N LEU A 19 -15.96 -2.85 -8.38
CA LEU A 19 -16.45 -4.22 -8.50
C LEU A 19 -16.36 -4.75 -9.93
N ASP A 20 -16.64 -3.90 -10.91
CA ASP A 20 -16.56 -4.37 -12.30
C ASP A 20 -15.16 -4.92 -12.61
N LYS A 21 -14.13 -4.19 -12.20
CA LYS A 21 -12.76 -4.63 -12.47
C LYS A 21 -12.39 -5.89 -11.65
N LEU A 22 -12.76 -5.93 -10.37
CA LEU A 22 -12.46 -7.10 -9.56
C LEU A 22 -13.08 -8.36 -10.15
N LEU A 23 -14.36 -8.26 -10.53
CA LEU A 23 -15.09 -9.40 -11.07
C LEU A 23 -14.60 -9.81 -12.43
N HIS A 24 -14.15 -8.84 -13.22
CA HIS A 24 -13.66 -9.13 -14.55
C HIS A 24 -12.36 -9.93 -14.52
N TYR A 25 -11.47 -9.58 -13.59
CA TYR A 25 -10.18 -10.25 -13.49
C TYR A 25 -10.10 -11.46 -12.58
N ARG A 26 -11.09 -11.65 -11.71
CA ARG A 26 -11.07 -12.76 -10.76
C ARG A 26 -10.91 -14.09 -11.48
N PRO A 27 -9.88 -14.87 -11.12
CA PRO A 27 -9.65 -16.17 -11.76
C PRO A 27 -10.46 -17.34 -11.18
N SER A 28 -10.98 -17.15 -9.97
CA SER A 28 -11.73 -18.18 -9.30
C SER A 28 -12.62 -17.59 -8.21
N ALA A 29 -13.92 -17.83 -8.32
CA ALA A 29 -14.88 -17.34 -7.33
C ALA A 29 -14.67 -18.08 -6.01
N GLU A 30 -14.26 -19.34 -6.08
CA GLU A 30 -14.06 -20.14 -4.87
C GLU A 30 -12.83 -19.71 -4.08
N LEU A 31 -11.75 -19.38 -4.77
CA LEU A 31 -10.53 -18.97 -4.09
C LEU A 31 -10.55 -17.51 -3.67
N PHE A 32 -11.31 -16.67 -4.39
CA PHE A 32 -11.39 -15.24 -4.08
C PHE A 32 -12.81 -14.72 -3.90
N PRO A 33 -13.50 -15.14 -2.83
CA PRO A 33 -14.85 -14.65 -2.64
C PRO A 33 -14.79 -13.15 -2.37
N ILE A 34 -15.76 -12.40 -2.88
CA ILE A 34 -15.80 -10.95 -2.68
C ILE A 34 -16.89 -10.62 -1.67
N ILE A 35 -16.48 -9.94 -0.61
CA ILE A 35 -17.40 -9.54 0.45
C ILE A 35 -17.40 -8.01 0.44
N VAL A 36 -18.57 -7.42 0.21
CA VAL A 36 -18.67 -5.97 0.18
C VAL A 36 -19.35 -5.51 1.47
N SER A 37 -18.59 -4.83 2.32
CA SER A 37 -19.12 -4.33 3.59
C SER A 37 -19.46 -2.86 3.36
N GLN A 38 -20.73 -2.51 3.55
CA GLN A 38 -21.17 -1.13 3.33
C GLN A 38 -21.56 -0.42 4.62
N ASP A 39 -21.02 0.78 4.80
CA ASP A 39 -21.33 1.62 5.96
C ASP A 39 -22.30 2.68 5.43
N CYS A 40 -22.70 3.60 6.30
CA CYS A 40 -23.52 4.73 5.87
C CYS A 40 -24.99 4.55 5.51
N GLY A 41 -25.37 3.44 4.88
CA GLY A 41 -26.77 3.23 4.53
C GLY A 41 -27.28 3.98 3.30
N HIS A 42 -26.37 4.45 2.46
CA HIS A 42 -26.72 5.18 1.22
C HIS A 42 -27.50 4.23 0.31
N GLU A 43 -28.77 4.56 0.07
CA GLU A 43 -29.65 3.71 -0.74
C GLU A 43 -29.20 3.43 -2.17
N GLU A 44 -28.76 4.45 -2.89
CA GLU A 44 -28.34 4.20 -4.27
C GLU A 44 -27.15 3.25 -4.31
N THR A 45 -26.19 3.48 -3.43
CA THR A 45 -25.00 2.62 -3.39
C THR A 45 -25.41 1.19 -3.00
N ALA A 46 -26.37 1.04 -2.09
CA ALA A 46 -26.83 -0.27 -1.66
C ALA A 46 -27.47 -1.01 -2.84
N GLN A 47 -28.25 -0.28 -3.64
CA GLN A 47 -28.91 -0.89 -4.79
C GLN A 47 -27.90 -1.31 -5.83
N VAL A 48 -26.84 -0.51 -6.00
CA VAL A 48 -25.80 -0.86 -6.97
C VAL A 48 -25.14 -2.16 -6.54
N ILE A 49 -24.77 -2.27 -5.27
CA ILE A 49 -24.13 -3.49 -4.79
C ILE A 49 -25.04 -4.69 -4.90
N ALA A 50 -26.31 -4.51 -4.53
CA ALA A 50 -27.29 -5.60 -4.58
C ALA A 50 -27.50 -6.13 -5.99
N SER A 51 -27.33 -5.26 -6.97
CA SER A 51 -27.54 -5.67 -8.36
C SER A 51 -26.56 -6.71 -8.86
N TYR A 52 -25.45 -6.91 -8.14
CA TYR A 52 -24.46 -7.92 -8.57
C TYR A 52 -24.91 -9.31 -8.17
N GLY A 53 -25.95 -9.36 -7.34
CA GLY A 53 -26.48 -10.63 -6.89
C GLY A 53 -25.46 -11.49 -6.18
N SER A 54 -25.48 -12.79 -6.48
CA SER A 54 -24.57 -13.72 -5.83
C SER A 54 -23.09 -13.60 -6.22
N ALA A 55 -22.74 -12.65 -7.08
CA ALA A 55 -21.34 -12.48 -7.46
C ALA A 55 -20.58 -11.95 -6.25
N VAL A 56 -21.30 -11.34 -5.32
CA VAL A 56 -20.67 -10.81 -4.10
C VAL A 56 -21.57 -11.05 -2.89
N THR A 57 -21.01 -10.90 -1.70
CA THR A 57 -21.78 -11.03 -0.46
C THR A 57 -21.83 -9.62 0.13
N HIS A 58 -23.04 -9.07 0.25
CA HIS A 58 -23.27 -7.71 0.77
C HIS A 58 -23.60 -7.73 2.25
N ILE A 59 -22.75 -7.14 3.08
CA ILE A 59 -23.01 -7.08 4.52
C ILE A 59 -23.07 -5.59 4.87
N ARG A 60 -23.77 -5.27 5.95
CA ARG A 60 -23.98 -3.88 6.34
C ARG A 60 -23.57 -3.56 7.76
N GLN A 61 -22.74 -2.52 7.92
CA GLN A 61 -22.28 -2.11 9.24
C GLN A 61 -23.58 -1.76 10.00
N PRO A 62 -23.79 -2.38 11.16
CA PRO A 62 -25.00 -2.18 11.98
C PRO A 62 -25.24 -0.92 12.78
N ASP A 63 -24.18 -0.20 13.12
CA ASP A 63 -24.28 0.97 13.98
C ASP A 63 -24.06 2.27 13.21
N LEU A 64 -25.15 2.90 12.79
CA LEU A 64 -25.04 4.12 11.99
C LEU A 64 -25.11 5.43 12.78
N SER A 65 -24.87 5.35 14.08
CA SER A 65 -24.94 6.54 14.92
C SER A 65 -23.73 7.45 14.79
N ASN A 66 -23.90 8.70 15.18
CA ASN A 66 -22.79 9.64 15.18
C ASN A 66 -21.85 9.26 16.30
N ILE A 67 -20.57 9.55 16.13
CA ILE A 67 -19.57 9.18 17.13
C ILE A 67 -19.09 10.38 17.91
N ALA A 68 -18.95 10.22 19.21
CA ALA A 68 -18.46 11.29 20.06
C ALA A 68 -16.96 11.39 19.83
N VAL A 69 -16.49 12.54 19.39
CA VAL A 69 -15.07 12.73 19.12
C VAL A 69 -14.38 13.49 20.25
N GLN A 70 -13.05 13.43 20.28
CA GLN A 70 -12.29 14.14 21.30
C GLN A 70 -12.24 15.61 20.95
N PRO A 71 -11.88 16.48 21.92
CA PRO A 71 -11.82 17.92 21.71
C PRO A 71 -11.02 18.48 20.55
N ASP A 72 -10.02 17.74 20.10
CA ASP A 72 -9.18 18.22 19.01
C ASP A 72 -9.70 17.75 17.66
N HIS A 73 -10.80 17.01 17.65
CA HIS A 73 -11.29 16.41 16.40
C HIS A 73 -12.69 16.76 15.88
N ARG A 74 -13.21 17.94 16.17
CA ARG A 74 -14.54 18.28 15.66
C ARG A 74 -14.69 18.13 14.14
N LYS A 75 -13.64 18.50 13.40
CA LYS A 75 -13.66 18.42 11.93
C LYS A 75 -13.41 17.02 11.37
N PHE A 76 -13.17 16.06 12.25
CA PHE A 76 -12.80 14.73 11.79
C PHE A 76 -13.73 13.54 12.02
N GLN A 77 -15.03 13.79 12.14
CA GLN A 77 -16.02 12.72 12.36
C GLN A 77 -15.91 11.57 11.34
N GLY A 78 -15.69 11.92 10.08
CA GLY A 78 -15.57 10.89 9.06
C GLY A 78 -14.44 9.90 9.30
N TYR A 79 -13.33 10.38 9.87
CA TYR A 79 -12.19 9.50 10.16
C TYR A 79 -12.54 8.51 11.28
N TYR A 80 -13.37 8.95 12.22
CA TYR A 80 -13.82 8.06 13.29
C TYR A 80 -14.75 6.99 12.70
N LYS A 81 -15.59 7.39 11.75
CA LYS A 81 -16.50 6.44 11.13
C LYS A 81 -15.73 5.40 10.31
N ILE A 82 -14.70 5.84 9.62
CA ILE A 82 -13.88 4.90 8.85
C ILE A 82 -13.29 3.83 9.78
N ALA A 83 -12.70 4.29 10.89
CA ALA A 83 -12.08 3.36 11.84
C ALA A 83 -13.09 2.38 12.42
N ARG A 84 -14.28 2.86 12.74
CA ARG A 84 -15.33 1.98 13.28
C ARG A 84 -15.73 0.92 12.26
N HIS A 85 -15.89 1.33 11.00
CA HIS A 85 -16.27 0.38 9.96
C HIS A 85 -15.19 -0.67 9.74
N TYR A 86 -13.92 -0.25 9.69
CA TYR A 86 -12.83 -1.21 9.51
C TYR A 86 -12.85 -2.27 10.61
N ARG A 87 -13.03 -1.84 11.86
CA ARG A 87 -13.07 -2.80 12.96
C ARG A 87 -14.20 -3.81 12.80
N TRP A 88 -15.38 -3.33 12.42
CA TRP A 88 -16.51 -4.24 12.25
C TRP A 88 -16.32 -5.18 11.07
N ALA A 89 -15.92 -4.62 9.93
CA ALA A 89 -15.77 -5.43 8.71
C ALA A 89 -14.67 -6.49 8.83
N LEU A 90 -13.54 -6.12 9.42
CA LEU A 90 -12.46 -7.10 9.58
C LEU A 90 -12.89 -8.14 10.61
N GLY A 91 -13.71 -7.71 11.57
CA GLY A 91 -14.21 -8.66 12.56
C GLY A 91 -15.12 -9.67 11.88
N GLN A 92 -15.89 -9.24 10.89
CA GLN A 92 -16.78 -10.16 10.19
C GLN A 92 -15.93 -11.17 9.40
N ILE A 93 -14.90 -10.68 8.74
CA ILE A 93 -14.03 -11.54 7.92
C ILE A 93 -13.30 -12.58 8.75
N PHE A 94 -12.77 -12.16 9.89
CA PHE A 94 -11.98 -13.06 10.72
C PHE A 94 -12.67 -13.76 11.88
N HIS A 95 -13.82 -13.26 12.32
CA HIS A 95 -14.53 -13.90 13.43
C HIS A 95 -15.78 -14.65 12.96
N ASN A 96 -16.55 -14.03 12.06
CA ASN A 96 -17.78 -14.65 11.57
C ASN A 96 -17.51 -15.61 10.41
N PHE A 97 -16.91 -15.12 9.33
CA PHE A 97 -16.60 -15.99 8.20
C PHE A 97 -15.38 -16.85 8.50
N ASN A 98 -14.55 -16.41 9.44
CA ASN A 98 -13.34 -17.12 9.86
C ASN A 98 -12.35 -17.47 8.73
N TYR A 99 -12.04 -16.49 7.90
CA TYR A 99 -11.09 -16.69 6.81
C TYR A 99 -9.69 -16.54 7.41
N PRO A 100 -8.67 -17.11 6.76
CA PRO A 100 -7.29 -17.06 7.24
C PRO A 100 -6.53 -15.77 6.91
N ALA A 101 -7.04 -15.04 5.94
CA ALA A 101 -6.43 -13.79 5.50
C ALA A 101 -7.44 -13.04 4.68
N ALA A 102 -7.09 -11.82 4.28
CA ALA A 102 -7.98 -11.02 3.44
C ALA A 102 -7.23 -9.91 2.73
N VAL A 103 -7.71 -9.53 1.55
CA VAL A 103 -7.13 -8.40 0.82
C VAL A 103 -8.16 -7.30 0.97
N VAL A 104 -7.76 -6.18 1.58
CA VAL A 104 -8.64 -5.05 1.83
C VAL A 104 -8.57 -4.04 0.70
N VAL A 105 -9.73 -3.74 0.11
CA VAL A 105 -9.83 -2.83 -1.03
C VAL A 105 -10.89 -1.74 -0.84
N GLU A 106 -10.46 -0.48 -0.77
CA GLU A 106 -11.43 0.60 -0.65
C GLU A 106 -12.23 0.76 -1.97
N ASP A 107 -13.46 1.24 -1.86
CA ASP A 107 -14.36 1.35 -3.00
C ASP A 107 -13.97 2.22 -4.16
N ASP A 108 -12.93 3.05 -3.99
CA ASP A 108 -12.50 3.94 -5.06
C ASP A 108 -11.19 3.47 -5.69
N LEU A 109 -10.93 2.16 -5.61
CA LEU A 109 -9.72 1.58 -6.21
C LEU A 109 -10.03 0.70 -7.41
N GLU A 110 -9.27 0.88 -8.48
CA GLU A 110 -9.42 0.05 -9.68
C GLU A 110 -8.19 -0.86 -9.65
N VAL A 111 -8.41 -2.17 -9.81
CA VAL A 111 -7.28 -3.10 -9.80
C VAL A 111 -6.70 -3.42 -11.17
N ALA A 112 -5.44 -3.82 -11.16
CA ALA A 112 -4.69 -4.19 -12.37
C ALA A 112 -5.03 -5.63 -12.78
N PRO A 113 -4.76 -5.98 -14.06
N PRO A 113 -4.79 -6.09 -14.03
CA PRO A 113 -5.05 -7.33 -14.56
CA PRO A 113 -5.18 -7.44 -14.50
C PRO A 113 -4.44 -8.46 -13.74
C PRO A 113 -4.55 -8.54 -13.64
N ASP A 114 -3.28 -8.22 -13.13
CA ASP A 114 -2.64 -9.27 -12.35
C ASP A 114 -2.74 -9.11 -10.84
N PHE A 115 -3.75 -8.36 -10.41
CA PHE A 115 -4.00 -8.14 -8.98
C PHE A 115 -4.16 -9.45 -8.20
N PHE A 116 -4.97 -10.38 -8.70
CA PHE A 116 -5.18 -11.64 -7.98
C PHE A 116 -3.97 -12.53 -8.04
N GLU A 117 -3.31 -12.57 -9.19
CA GLU A 117 -2.12 -13.39 -9.36
C GLU A 117 -1.03 -12.94 -8.37
N TYR A 118 -0.92 -11.62 -8.21
CA TYR A 118 0.08 -11.03 -7.31
C TYR A 118 -0.14 -11.50 -5.86
N PHE A 119 -1.37 -11.39 -5.38
CA PHE A 119 -1.62 -11.81 -4.01
C PHE A 119 -1.56 -13.32 -3.83
N GLN A 120 -1.93 -14.06 -4.86
CA GLN A 120 -1.87 -15.52 -4.77
C GLN A 120 -0.41 -15.96 -4.61
N ALA A 121 0.49 -15.30 -5.33
CA ALA A 121 1.90 -15.63 -5.28
C ALA A 121 2.62 -15.19 -4.02
N THR A 122 2.19 -14.07 -3.44
CA THR A 122 2.84 -13.53 -2.26
C THR A 122 2.29 -13.99 -0.92
N TYR A 123 1.07 -14.52 -0.90
CA TYR A 123 0.48 -15.02 0.34
C TYR A 123 1.43 -16.02 1.05
N PRO A 124 2.01 -16.98 0.31
N PRO A 124 2.09 -16.98 0.30
CA PRO A 124 2.91 -17.92 1.00
CA PRO A 124 2.97 -17.92 1.02
C PRO A 124 4.13 -17.26 1.67
C PRO A 124 4.13 -17.22 1.71
N LEU A 125 4.64 -16.18 1.08
CA LEU A 125 5.77 -15.45 1.65
C LEU A 125 5.35 -14.83 2.98
N LEU A 126 4.17 -14.20 2.98
CA LEU A 126 3.66 -13.56 4.19
C LEU A 126 3.45 -14.62 5.27
N LYS A 127 2.94 -15.78 4.87
CA LYS A 127 2.73 -16.87 5.81
C LYS A 127 4.02 -17.34 6.47
N ALA A 128 5.08 -17.46 5.67
CA ALA A 128 6.37 -17.96 6.14
C ALA A 128 7.35 -17.00 6.81
N ASP A 129 7.31 -15.71 6.48
CA ASP A 129 8.25 -14.74 7.04
C ASP A 129 7.60 -13.80 8.07
N PRO A 130 7.87 -14.03 9.37
CA PRO A 130 7.29 -13.18 10.41
C PRO A 130 7.79 -11.74 10.44
N SER A 131 8.80 -11.45 9.63
CA SER A 131 9.33 -10.08 9.55
C SER A 131 8.47 -9.25 8.60
N LEU A 132 7.55 -9.90 7.88
CA LEU A 132 6.64 -9.20 6.98
C LEU A 132 5.28 -9.16 7.69
N TRP A 133 4.54 -8.07 7.53
CA TRP A 133 3.21 -8.01 8.12
C TRP A 133 2.12 -7.68 7.10
N CYS A 134 2.53 -7.48 5.84
CA CYS A 134 1.56 -7.22 4.79
C CYS A 134 2.15 -7.30 3.40
N VAL A 135 1.26 -7.38 2.42
CA VAL A 135 1.64 -7.32 1.02
C VAL A 135 0.72 -6.21 0.49
N SER A 136 1.29 -5.20 -0.15
CA SER A 136 0.50 -4.12 -0.70
C SER A 136 0.65 -4.01 -2.22
N ALA A 137 -0.41 -3.57 -2.87
CA ALA A 137 -0.40 -3.39 -4.32
C ALA A 137 0.13 -1.99 -4.71
N TRP A 138 0.34 -1.15 -3.71
CA TRP A 138 0.70 0.25 -3.96
C TRP A 138 2.15 0.69 -3.88
N ASN A 139 2.63 1.41 -4.90
CA ASN A 139 3.98 2.00 -4.89
C ASN A 139 3.78 3.52 -4.66
N ASP A 140 4.11 3.99 -3.45
CA ASP A 140 3.93 5.41 -3.12
C ASP A 140 4.65 6.37 -4.06
N ASN A 141 5.71 5.90 -4.71
CA ASN A 141 6.42 6.73 -5.68
C ASN A 141 6.26 6.09 -7.05
N GLY A 142 5.03 5.70 -7.37
CA GLY A 142 4.76 5.02 -8.62
C GLY A 142 4.28 5.81 -9.82
N LYS A 143 4.69 7.07 -9.93
CA LYS A 143 4.30 7.88 -11.07
C LYS A 143 4.97 7.29 -12.32
N GLU A 144 4.36 7.49 -13.49
CA GLU A 144 4.89 6.91 -14.71
C GLU A 144 6.37 7.13 -15.01
N GLN A 145 6.85 8.34 -14.85
CA GLN A 145 8.25 8.62 -15.14
C GLN A 145 9.22 8.17 -14.04
N MET A 146 8.70 7.59 -12.97
CA MET A 146 9.54 7.16 -11.88
C MET A 146 9.59 5.64 -11.72
N VAL A 147 8.96 4.93 -12.64
CA VAL A 147 8.96 3.46 -12.59
C VAL A 147 9.51 2.87 -13.90
N ASP A 148 10.12 1.68 -13.81
CA ASP A 148 10.69 1.01 -14.99
C ASP A 148 9.66 0.11 -15.65
N SER A 149 9.12 0.58 -16.77
N SER A 149 9.05 0.57 -16.86
CA SER A 149 8.10 -0.17 -17.52
CA SER A 149 7.95 -0.21 -17.41
C SER A 149 8.58 -1.52 -18.03
C SER A 149 8.46 -1.51 -18.03
N SER A 150 9.90 -1.72 -18.10
CA SER A 150 10.43 -3.00 -18.57
C SER A 150 10.54 -4.04 -17.45
N LYS A 151 10.24 -3.64 -16.23
CA LYS A 151 10.32 -4.55 -15.09
C LYS A 151 9.02 -4.62 -14.28
N PRO A 152 7.90 -4.93 -14.95
CA PRO A 152 6.64 -5.01 -14.22
C PRO A 152 6.61 -6.11 -13.17
N GLU A 153 7.55 -7.06 -13.24
CA GLU A 153 7.61 -8.17 -12.29
C GLU A 153 8.41 -7.88 -11.01
N LEU A 154 9.15 -6.78 -10.99
CA LEU A 154 10.00 -6.45 -9.85
C LEU A 154 9.28 -6.04 -8.57
N LEU A 155 9.62 -6.70 -7.46
CA LEU A 155 9.03 -6.41 -6.15
C LEU A 155 10.10 -5.97 -5.14
N TYR A 156 9.65 -5.34 -4.06
CA TYR A 156 10.55 -4.82 -3.02
C TYR A 156 9.95 -5.00 -1.63
N ARG A 157 10.77 -4.76 -0.61
CA ARG A 157 10.28 -4.76 0.76
C ARG A 157 10.22 -3.26 1.13
N THR A 158 9.29 -2.87 1.99
CA THR A 158 9.20 -1.46 2.43
C THR A 158 8.81 -1.41 3.90
N ASP A 159 9.34 -0.41 4.61
CA ASP A 159 9.02 -0.23 6.03
C ASP A 159 7.79 0.68 6.16
N PHE A 160 7.43 1.33 5.05
CA PHE A 160 6.28 2.24 5.03
C PHE A 160 5.02 1.51 4.59
N PHE A 161 4.12 1.24 5.54
CA PHE A 161 2.86 0.57 5.24
C PHE A 161 2.09 1.38 4.20
N PRO A 162 1.90 0.84 2.98
CA PRO A 162 1.18 1.59 1.95
C PRO A 162 -0.34 1.57 1.89
N GLY A 163 -0.95 0.53 2.47
CA GLY A 163 -2.40 0.40 2.42
C GLY A 163 -2.79 0.27 0.94
N LEU A 164 -3.93 0.87 0.57
CA LEU A 164 -4.40 0.91 -0.83
C LEU A 164 -4.31 -0.42 -1.58
N GLY A 165 -5.06 -1.39 -1.08
CA GLY A 165 -5.08 -2.73 -1.66
C GLY A 165 -4.02 -3.53 -0.93
N TRP A 166 -4.39 -4.11 0.22
CA TRP A 166 -3.38 -4.84 1.00
C TRP A 166 -3.87 -6.12 1.65
N LEU A 167 -2.96 -7.09 1.73
CA LEU A 167 -3.22 -8.40 2.30
C LEU A 167 -2.69 -8.49 3.75
N LEU A 168 -3.53 -9.02 4.65
CA LEU A 168 -3.11 -9.24 6.04
C LEU A 168 -3.62 -10.61 6.48
N LEU A 169 -2.91 -11.22 7.44
CA LEU A 169 -3.29 -12.53 7.96
C LEU A 169 -4.21 -12.36 9.17
N ALA A 170 -5.00 -13.40 9.46
CA ALA A 170 -5.88 -13.39 10.61
C ALA A 170 -5.02 -13.18 11.86
N GLU A 171 -3.79 -13.68 11.82
CA GLU A 171 -2.85 -13.52 12.94
C GLU A 171 -2.57 -12.05 13.25
N LEU A 172 -2.54 -11.20 12.22
CA LEU A 172 -2.29 -9.79 12.46
C LEU A 172 -3.53 -9.13 13.07
N TRP A 173 -4.72 -9.50 12.61
CA TRP A 173 -5.93 -8.92 13.17
C TRP A 173 -6.00 -9.28 14.65
N ALA A 174 -5.53 -10.47 15.01
CA ALA A 174 -5.56 -10.88 16.42
C ALA A 174 -4.73 -9.92 17.28
N GLU A 175 -3.64 -9.43 16.71
CA GLU A 175 -2.75 -8.51 17.40
C GLU A 175 -3.28 -7.06 17.45
N LEU A 176 -3.88 -6.61 16.36
CA LEU A 176 -4.37 -5.23 16.27
C LEU A 176 -5.74 -4.90 16.88
N GLU A 177 -6.68 -5.82 16.81
CA GLU A 177 -8.02 -5.51 17.30
C GLU A 177 -8.15 -5.03 18.75
N PRO A 178 -7.46 -5.67 19.70
CA PRO A 178 -7.56 -5.26 21.11
C PRO A 178 -7.18 -3.81 21.38
N LYS A 179 -6.38 -3.22 20.48
CA LYS A 179 -5.95 -1.84 20.66
C LYS A 179 -6.34 -0.95 19.47
N TRP A 180 -7.30 -1.39 18.66
CA TRP A 180 -7.72 -0.62 17.49
C TRP A 180 -8.07 0.82 17.90
N PRO A 181 -7.55 1.81 17.16
CA PRO A 181 -7.79 3.22 17.47
C PRO A 181 -9.16 3.79 17.12
N LYS A 182 -9.46 4.96 17.71
CA LYS A 182 -10.71 5.66 17.47
C LYS A 182 -10.74 6.33 16.09
N ALA A 183 -9.56 6.67 15.57
CA ALA A 183 -9.45 7.34 14.27
C ALA A 183 -8.03 7.30 13.72
N PHE A 184 -7.89 7.56 12.42
CA PHE A 184 -6.61 7.60 11.72
C PHE A 184 -5.91 6.26 11.82
N TRP A 185 -6.64 5.22 11.45
CA TRP A 185 -6.14 3.87 11.57
C TRP A 185 -4.85 3.58 10.84
N ASP A 186 -4.69 4.08 9.62
CA ASP A 186 -3.48 3.78 8.88
C ASP A 186 -2.22 4.47 9.39
N ASP A 187 -2.33 5.71 9.86
CA ASP A 187 -1.14 6.35 10.39
C ASP A 187 -0.82 5.69 11.75
N TRP A 188 -1.83 5.14 12.42
CA TRP A 188 -1.64 4.46 13.70
C TRP A 188 -0.84 3.17 13.43
N MET A 189 -1.15 2.50 12.33
CA MET A 189 -0.41 1.28 12.00
C MET A 189 1.03 1.61 11.67
N ARG A 190 1.28 2.83 11.18
CA ARG A 190 2.62 3.26 10.81
C ARG A 190 3.52 3.59 12.02
N ARG A 191 2.92 3.65 13.20
CA ARG A 191 3.68 3.91 14.42
C ARG A 191 4.50 2.68 14.82
N PRO A 192 5.69 2.88 15.41
CA PRO A 192 6.51 1.74 15.80
C PRO A 192 5.86 0.78 16.80
N GLU A 193 5.00 1.29 17.67
CA GLU A 193 4.31 0.45 18.65
C GLU A 193 3.43 -0.60 17.96
N GLN A 194 3.01 -0.30 16.73
CA GLN A 194 2.20 -1.24 15.97
C GLN A 194 3.03 -2.05 14.98
N ARG A 195 3.85 -1.34 14.22
CA ARG A 195 4.67 -1.98 13.18
C ARG A 195 5.71 -2.97 13.71
N LYS A 196 6.36 -2.62 14.82
CA LYS A 196 7.37 -3.48 15.42
C LYS A 196 8.45 -3.93 14.42
N GLY A 197 8.90 -2.98 13.59
CA GLY A 197 9.95 -3.22 12.63
C GLY A 197 9.63 -4.10 11.44
N ARG A 198 8.37 -4.47 11.27
CA ARG A 198 7.99 -5.33 10.17
C ARG A 198 7.79 -4.59 8.85
N ALA A 199 7.98 -5.31 7.75
CA ALA A 199 7.85 -4.73 6.42
C ALA A 199 6.68 -5.29 5.63
N CYS A 200 6.43 -4.66 4.48
CA CYS A 200 5.39 -5.13 3.57
C CYS A 200 6.09 -5.31 2.23
N VAL A 201 5.51 -6.14 1.38
CA VAL A 201 6.03 -6.30 0.02
C VAL A 201 5.26 -5.25 -0.80
N ARG A 202 5.93 -4.57 -1.74
CA ARG A 202 5.25 -3.60 -2.61
C ARG A 202 5.90 -3.74 -3.99
N PRO A 203 5.17 -3.38 -5.05
CA PRO A 203 5.68 -3.51 -6.42
C PRO A 203 6.36 -2.30 -7.04
N GLU A 204 7.12 -2.56 -8.12
CA GLU A 204 7.74 -1.48 -8.90
C GLU A 204 6.62 -0.67 -9.58
N ILE A 205 5.59 -1.37 -10.06
CA ILE A 205 4.45 -0.73 -10.71
C ILE A 205 3.19 -1.14 -9.93
N SER A 206 2.45 -0.16 -9.43
N SER A 206 2.36 -0.07 -9.74
CA SER A 206 1.25 -0.41 -8.63
CA SER A 206 1.31 -0.27 -8.76
C SER A 206 0.18 -1.31 -9.26
C SER A 206 0.22 -1.20 -9.30
N ARG A 207 -0.44 -2.14 -8.43
CA ARG A 207 -1.51 -3.03 -8.90
C ARG A 207 -2.89 -2.47 -8.55
N THR A 208 -2.91 -1.24 -8.04
CA THR A 208 -4.17 -0.53 -7.74
C THR A 208 -3.98 0.94 -8.14
N MET A 209 -5.10 1.63 -8.34
N MET A 209 -4.94 1.66 -8.39
CA MET A 209 -5.11 3.04 -8.72
CA MET A 209 -5.08 3.09 -8.65
C MET A 209 -6.36 3.65 -8.09
C MET A 209 -6.44 3.60 -8.18
N THR A 210 -6.25 4.82 -7.48
CA THR A 210 -7.46 5.41 -6.90
C THR A 210 -8.07 6.45 -7.82
N PHE A 211 -9.40 6.43 -7.89
CA PHE A 211 -10.14 7.40 -8.70
C PHE A 211 -11.07 8.22 -7.79
N GLY A 212 -10.88 8.09 -6.49
CA GLY A 212 -11.71 8.81 -5.52
C GLY A 212 -11.27 10.23 -5.23
N ARG A 213 -11.47 11.14 -6.18
CA ARG A 213 -11.08 12.52 -5.96
C ARG A 213 -11.86 13.09 -4.78
N LYS A 214 -13.16 12.83 -4.78
CA LYS A 214 -14.03 13.29 -3.69
C LYS A 214 -14.19 12.14 -2.69
N GLY A 215 -13.94 12.43 -1.42
CA GLY A 215 -14.06 11.42 -0.38
C GLY A 215 -13.99 12.07 0.99
N VAL A 216 -13.61 11.28 2.00
CA VAL A 216 -13.52 11.80 3.37
C VAL A 216 -12.47 12.90 3.51
N SER A 217 -11.29 12.70 2.96
CA SER A 217 -10.25 13.71 3.06
C SER A 217 -10.31 14.72 1.92
N HIS A 218 -9.80 15.92 2.19
CA HIS A 218 -9.75 16.99 1.20
C HIS A 218 -9.02 16.44 -0.02
N GLY A 219 -9.44 16.86 -1.20
CA GLY A 219 -8.82 16.34 -2.41
C GLY A 219 -7.46 16.84 -2.83
N GLN A 220 -6.77 17.66 -2.04
CA GLN A 220 -5.46 18.13 -2.50
C GLN A 220 -4.39 17.04 -2.61
N PHE A 221 -4.40 16.06 -1.71
CA PHE A 221 -3.40 14.98 -1.80
C PHE A 221 -3.66 14.16 -3.06
N PHE A 222 -4.94 13.94 -3.38
CA PHE A 222 -5.30 13.21 -4.59
C PHE A 222 -4.85 14.01 -5.80
N ASP A 223 -5.17 15.31 -5.78
CA ASP A 223 -4.84 16.20 -6.89
C ASP A 223 -3.36 16.40 -7.14
N GLN A 224 -2.54 16.35 -6.09
CA GLN A 224 -1.11 16.57 -6.28
C GLN A 224 -0.25 15.32 -6.34
N HIS A 225 -0.79 14.19 -5.91
CA HIS A 225 0.01 12.97 -5.90
C HIS A 225 -0.69 11.68 -6.31
N LEU A 226 -1.73 11.29 -5.58
CA LEU A 226 -2.40 10.03 -5.86
C LEU A 226 -2.87 9.80 -7.30
N LYS A 227 -3.42 10.84 -7.94
CA LYS A 227 -3.94 10.71 -9.29
C LYS A 227 -2.88 10.34 -10.32
N PHE A 228 -1.62 10.55 -9.98
CA PHE A 228 -0.52 10.29 -10.93
C PHE A 228 0.12 8.90 -10.85
N ILE A 229 -0.34 8.09 -9.90
CA ILE A 229 0.21 6.75 -9.74
C ILE A 229 -0.26 5.88 -10.91
N LYS A 230 0.69 5.27 -11.61
CA LYS A 230 0.42 4.44 -12.79
C LYS A 230 -0.09 3.03 -12.47
N LEU A 231 -1.20 2.62 -13.10
CA LEU A 231 -1.73 1.27 -12.88
C LEU A 231 -1.05 0.30 -13.85
N ASN A 232 -0.55 -0.82 -13.35
CA ASN A 232 0.09 -1.79 -14.24
C ASN A 232 -0.94 -2.38 -15.20
N GLN A 233 -0.57 -2.56 -16.47
CA GLN A 233 -1.51 -3.15 -17.42
C GLN A 233 -0.89 -4.37 -18.12
N GLN A 234 0.35 -4.71 -17.75
CA GLN A 234 1.03 -5.87 -18.32
C GLN A 234 0.95 -7.03 -17.34
N PHE A 235 0.17 -8.06 -17.68
CA PHE A 235 0.02 -9.21 -16.81
C PHE A 235 1.35 -9.93 -16.54
N VAL A 236 1.67 -10.09 -15.27
CA VAL A 236 2.87 -10.81 -14.82
C VAL A 236 2.42 -12.08 -14.10
N PRO A 237 2.94 -13.24 -14.54
CA PRO A 237 2.58 -14.52 -13.91
C PRO A 237 3.39 -14.78 -12.64
N PHE A 238 3.16 -13.98 -11.60
CA PHE A 238 3.88 -14.09 -10.35
C PHE A 238 3.94 -15.49 -9.75
N THR A 239 2.89 -16.30 -9.93
CA THR A 239 2.90 -17.65 -9.34
C THR A 239 3.89 -18.58 -10.01
N GLN A 240 4.46 -18.14 -11.14
CA GLN A 240 5.43 -18.93 -11.87
C GLN A 240 6.85 -18.43 -11.65
N LEU A 241 6.99 -17.36 -10.87
CA LEU A 241 8.30 -16.77 -10.64
C LEU A 241 8.91 -17.19 -9.30
N ASP A 242 10.23 -17.08 -9.20
CA ASP A 242 10.93 -17.41 -7.96
C ASP A 242 10.99 -16.15 -7.10
N LEU A 243 10.16 -16.07 -6.07
CA LEU A 243 10.13 -14.89 -5.22
C LEU A 243 10.96 -15.03 -3.95
N SER A 244 11.86 -16.01 -3.92
CA SER A 244 12.67 -16.22 -2.72
C SER A 244 13.58 -15.05 -2.38
N TYR A 245 13.85 -14.18 -3.35
CA TYR A 245 14.71 -13.02 -3.10
C TYR A 245 14.07 -12.04 -2.09
N LEU A 246 12.78 -12.19 -1.85
CA LEU A 246 12.07 -11.31 -0.91
C LEU A 246 12.19 -11.73 0.56
N GLN A 247 12.68 -12.94 0.81
CA GLN A 247 12.88 -13.42 2.20
C GLN A 247 13.86 -12.47 2.87
N GLN A 248 13.65 -12.18 4.16
CA GLN A 248 14.50 -11.23 4.86
C GLN A 248 16.00 -11.50 4.77
N GLU A 249 16.40 -12.73 5.06
CA GLU A 249 17.82 -13.08 5.04
C GLU A 249 18.47 -12.77 3.69
N ALA A 250 17.77 -13.10 2.60
CA ALA A 250 18.30 -12.85 1.27
C ALA A 250 18.25 -11.37 0.90
N TYR A 251 17.12 -10.74 1.14
CA TYR A 251 16.93 -9.32 0.80
C TYR A 251 17.89 -8.38 1.53
N ASP A 252 18.01 -8.55 2.85
CA ASP A 252 18.88 -7.66 3.60
C ASP A 252 20.35 -7.80 3.27
N ARG A 253 20.71 -8.91 2.65
CA ARG A 253 22.09 -9.09 2.25
C ARG A 253 22.28 -8.55 0.83
N ASP A 254 21.51 -9.11 -0.11
CA ASP A 254 21.64 -8.74 -1.52
C ASP A 254 21.19 -7.34 -1.91
N PHE A 255 20.02 -6.91 -1.45
CA PHE A 255 19.57 -5.59 -1.83
C PHE A 255 20.46 -4.49 -1.22
N LEU A 256 20.83 -4.62 0.05
CA LEU A 256 21.69 -3.62 0.69
C LEU A 256 23.08 -3.59 0.05
N ALA A 257 23.62 -4.75 -0.31
CA ALA A 257 24.93 -4.81 -0.94
C ALA A 257 24.83 -4.07 -2.28
N ARG A 258 23.69 -4.22 -2.95
CA ARG A 258 23.46 -3.57 -4.22
C ARG A 258 23.45 -2.06 -4.09
N VAL A 259 22.69 -1.57 -3.10
CA VAL A 259 22.57 -0.15 -2.87
C VAL A 259 23.91 0.50 -2.48
N TYR A 260 24.60 -0.11 -1.52
CA TYR A 260 25.84 0.47 -1.06
C TYR A 260 27.04 0.15 -1.93
N GLY A 261 26.84 -0.72 -2.91
CA GLY A 261 27.90 -1.06 -3.83
C GLY A 261 27.81 -0.18 -5.06
N ALA A 262 26.69 0.54 -5.20
CA ALA A 262 26.50 1.43 -6.35
C ALA A 262 27.30 2.72 -6.13
N PRO A 263 27.77 3.35 -7.23
CA PRO A 263 28.53 4.58 -7.07
C PRO A 263 27.64 5.71 -6.55
N GLN A 264 28.23 6.56 -5.72
CA GLN A 264 27.54 7.70 -5.15
C GLN A 264 27.66 8.87 -6.13
N LEU A 265 26.60 9.65 -6.25
CA LEU A 265 26.60 10.78 -7.17
C LEU A 265 25.91 11.94 -6.46
N GLN A 266 26.41 13.15 -6.66
CA GLN A 266 25.81 14.32 -6.04
C GLN A 266 24.43 14.55 -6.64
N VAL A 267 23.49 15.01 -5.82
CA VAL A 267 22.13 15.21 -6.30
C VAL A 267 22.03 16.09 -7.56
N GLU A 268 22.86 17.14 -7.65
CA GLU A 268 22.83 18.02 -8.82
C GLU A 268 23.17 17.28 -10.12
N LYS A 269 24.10 16.33 -10.05
CA LYS A 269 24.49 15.57 -11.23
C LYS A 269 23.37 14.65 -11.68
N VAL A 270 22.64 14.10 -10.73
CA VAL A 270 21.51 13.24 -11.08
C VAL A 270 20.44 14.08 -11.74
N ARG A 271 20.15 15.24 -11.15
CA ARG A 271 19.14 16.15 -11.66
C ARG A 271 19.36 16.55 -13.11
N THR A 272 20.58 16.98 -13.44
CA THR A 272 20.89 17.43 -14.79
C THR A 272 21.24 16.32 -15.77
N ASN A 273 21.15 15.08 -15.31
CA ASN A 273 21.44 13.91 -16.14
C ASN A 273 22.90 13.83 -16.61
N ASP A 274 23.83 14.10 -15.69
CA ASP A 274 25.26 14.02 -15.99
C ASP A 274 25.69 12.58 -15.74
N ARG A 275 26.84 12.19 -16.28
CA ARG A 275 27.36 10.84 -16.09
C ARG A 275 26.32 9.77 -16.38
N LYS A 276 25.69 9.82 -17.56
CA LYS A 276 24.67 8.82 -17.90
C LYS A 276 25.14 7.37 -18.00
N GLU A 277 26.46 7.15 -18.07
CA GLU A 277 26.97 5.79 -18.16
C GLU A 277 26.67 5.03 -16.86
N LEU A 278 26.35 5.76 -15.80
CA LEU A 278 26.04 5.12 -14.51
C LEU A 278 24.53 4.93 -14.45
N GLY A 279 24.08 3.72 -14.81
CA GLY A 279 22.67 3.40 -14.85
C GLY A 279 22.01 3.19 -13.49
N GLU A 280 22.83 3.09 -12.45
CA GLU A 280 22.31 2.86 -11.10
C GLU A 280 23.25 3.57 -10.13
N VAL A 281 22.72 4.52 -9.38
CA VAL A 281 23.52 5.30 -8.44
C VAL A 281 22.84 5.45 -7.08
N ARG A 282 23.63 5.97 -6.14
CA ARG A 282 23.17 6.23 -4.80
C ARG A 282 23.35 7.72 -4.53
N VAL A 283 22.33 8.37 -3.99
CA VAL A 283 22.40 9.78 -3.62
C VAL A 283 22.26 9.70 -2.11
N GLN A 284 23.29 10.14 -1.39
CA GLN A 284 23.28 10.06 0.06
C GLN A 284 22.78 11.29 0.78
N TYR A 285 21.91 11.07 1.77
CA TYR A 285 21.40 12.15 2.61
C TYR A 285 21.94 11.87 4.01
N THR A 286 22.06 12.91 4.84
CA THR A 286 22.62 12.70 6.17
C THR A 286 21.80 13.25 7.32
N GLY A 287 20.70 13.92 6.99
CA GLY A 287 19.86 14.49 8.03
C GLY A 287 18.48 14.72 7.46
N ARG A 288 17.56 15.19 8.31
CA ARG A 288 16.20 15.44 7.86
C ARG A 288 16.15 16.52 6.79
N ASP A 289 16.96 17.57 6.94
CA ASP A 289 16.96 18.65 5.96
C ASP A 289 17.44 18.18 4.59
N SER A 290 18.54 17.43 4.56
CA SER A 290 19.05 16.94 3.29
C SER A 290 18.09 15.91 2.68
N PHE A 291 17.47 15.07 3.50
CA PHE A 291 16.53 14.11 2.93
C PHE A 291 15.40 14.84 2.21
N LYS A 292 14.80 15.82 2.89
CA LYS A 292 13.70 16.59 2.31
C LYS A 292 14.12 17.32 1.05
N ALA A 293 15.29 17.96 1.09
CA ALA A 293 15.79 18.72 -0.03
C ALA A 293 16.07 17.83 -1.24
N PHE A 294 16.74 16.71 -1.00
CA PHE A 294 17.08 15.80 -2.10
C PHE A 294 15.85 15.10 -2.69
N ALA A 295 14.90 14.71 -1.83
CA ALA A 295 13.69 14.06 -2.32
C ALA A 295 12.95 15.03 -3.25
N LYS A 296 12.81 16.29 -2.81
CA LYS A 296 12.14 17.29 -3.63
C LYS A 296 12.86 17.54 -4.96
N ALA A 297 14.19 17.64 -4.92
CA ALA A 297 14.97 17.88 -6.13
C ALA A 297 14.75 16.80 -7.17
N LEU A 298 14.56 15.57 -6.71
CA LEU A 298 14.38 14.44 -7.62
C LEU A 298 12.94 14.02 -7.83
N GLY A 299 12.01 14.84 -7.33
CA GLY A 299 10.59 14.60 -7.51
C GLY A 299 9.90 13.48 -6.75
N VAL A 300 10.48 13.01 -5.64
CA VAL A 300 9.82 11.94 -4.89
C VAL A 300 9.17 12.48 -3.63
N MET A 301 8.23 11.69 -3.08
CA MET A 301 7.50 12.08 -1.86
C MET A 301 8.47 12.41 -0.74
N ASP A 302 8.29 13.57 -0.10
CA ASP A 302 9.19 13.96 0.98
C ASP A 302 8.57 13.91 2.37
N ASP A 303 7.32 13.46 2.49
CA ASP A 303 6.74 13.43 3.83
C ASP A 303 7.13 12.14 4.56
N LEU A 304 7.12 12.19 5.89
CA LEU A 304 7.50 11.03 6.69
C LEU A 304 6.44 10.71 7.73
N LYS A 305 6.21 9.43 7.99
CA LYS A 305 5.25 9.02 9.02
C LYS A 305 6.09 8.26 10.04
N SER A 306 6.09 8.74 11.28
CA SER A 306 6.90 8.16 12.36
C SER A 306 8.36 8.01 11.94
N GLY A 307 8.84 9.01 11.19
CA GLY A 307 10.21 9.04 10.73
C GLY A 307 10.55 8.19 9.52
N VAL A 308 9.55 7.51 8.95
CA VAL A 308 9.75 6.64 7.79
C VAL A 308 9.35 7.29 6.47
N PRO A 309 10.26 7.29 5.48
CA PRO A 309 9.87 7.91 4.21
C PRO A 309 8.99 6.98 3.38
N ARG A 310 8.21 7.56 2.46
CA ARG A 310 7.34 6.81 1.56
C ARG A 310 8.14 5.77 0.79
N ALA A 311 7.69 4.52 0.82
CA ALA A 311 8.33 3.40 0.15
C ALA A 311 9.77 3.13 0.62
N GLY A 312 10.14 3.71 1.77
CA GLY A 312 11.49 3.50 2.26
C GLY A 312 11.75 2.14 2.89
N TYR A 313 12.99 1.68 2.78
CA TYR A 313 13.40 0.42 3.42
C TYR A 313 14.78 0.69 4.01
N ARG A 314 14.90 0.59 5.34
CA ARG A 314 16.15 0.89 6.01
C ARG A 314 16.59 2.31 5.57
N GLY A 315 15.60 3.18 5.44
CA GLY A 315 15.84 4.56 5.06
C GLY A 315 16.08 4.82 3.58
N ILE A 316 16.11 3.76 2.78
CA ILE A 316 16.38 3.89 1.35
C ILE A 316 15.11 3.99 0.49
N VAL A 317 15.04 5.02 -0.35
CA VAL A 317 13.92 5.22 -1.27
C VAL A 317 14.47 4.93 -2.66
N THR A 318 13.89 3.95 -3.34
CA THR A 318 14.36 3.53 -4.67
C THR A 318 13.35 3.87 -5.77
N PHE A 319 13.85 4.45 -6.86
CA PHE A 319 12.98 4.89 -7.93
C PHE A 319 13.79 5.13 -9.19
N LEU A 320 13.11 5.52 -10.26
CA LEU A 320 13.77 5.84 -11.51
C LEU A 320 13.71 7.36 -11.70
N PHE A 321 14.78 7.93 -12.25
CA PHE A 321 14.81 9.37 -12.50
C PHE A 321 15.43 9.52 -13.87
N ARG A 322 14.62 9.96 -14.83
CA ARG A 322 15.07 10.14 -16.20
C ARG A 322 15.78 8.89 -16.73
N GLY A 323 15.18 7.74 -16.47
CA GLY A 323 15.72 6.47 -16.94
C GLY A 323 16.78 5.82 -16.08
N ARG A 324 17.28 6.55 -15.09
CA ARG A 324 18.32 6.04 -14.21
C ARG A 324 17.76 5.51 -12.89
N ARG A 325 18.30 4.40 -12.42
CA ARG A 325 17.88 3.83 -11.14
C ARG A 325 18.60 4.62 -10.04
N VAL A 326 17.84 5.11 -9.09
CA VAL A 326 18.40 5.91 -8.01
C VAL A 326 17.99 5.38 -6.64
N HIS A 327 18.95 5.35 -5.72
CA HIS A 327 18.68 4.92 -4.36
C HIS A 327 19.02 6.13 -3.49
N LEU A 328 17.99 6.80 -2.95
CA LEU A 328 18.21 7.94 -2.05
C LEU A 328 18.40 7.25 -0.70
N ALA A 329 19.64 7.25 -0.20
CA ALA A 329 19.95 6.49 1.00
C ALA A 329 20.74 7.18 2.10
N PRO A 330 20.59 6.69 3.33
CA PRO A 330 21.32 7.26 4.48
C PRO A 330 22.70 6.58 4.47
N PRO A 331 23.60 6.99 5.37
CA PRO A 331 24.92 6.36 5.40
C PRO A 331 24.69 4.90 5.79
N GLN A 332 25.62 4.01 5.46
CA GLN A 332 25.44 2.60 5.77
C GLN A 332 25.39 2.29 7.27
N THR A 333 25.70 3.29 8.08
CA THR A 333 25.67 3.14 9.53
C THR A 333 24.24 3.24 10.08
N TRP A 334 23.28 3.51 9.20
CA TRP A 334 21.87 3.62 9.58
C TRP A 334 21.49 2.52 10.56
N ASP A 335 20.80 2.88 11.63
CA ASP A 335 20.40 1.89 12.62
C ASP A 335 19.05 2.18 13.25
N GLY A 336 18.04 2.40 12.42
CA GLY A 336 16.71 2.65 12.95
C GLY A 336 16.11 3.99 12.60
N TYR A 337 14.80 4.07 12.66
CA TYR A 337 14.10 5.31 12.35
C TYR A 337 13.90 6.17 13.58
N ASP A 338 13.89 7.48 13.34
CA ASP A 338 13.73 8.50 14.39
C ASP A 338 12.39 9.21 14.15
N PRO A 339 11.39 8.95 15.00
N PRO A 339 11.23 8.92 14.90
CA PRO A 339 10.07 9.58 14.84
CA PRO A 339 9.90 9.52 14.74
C PRO A 339 10.07 11.10 14.84
C PRO A 339 9.96 11.04 14.84
N SER A 340 11.15 11.73 15.31
CA SER A 340 11.19 13.19 15.35
C SER A 340 11.46 13.80 13.97
N TRP A 341 11.76 12.96 12.99
CA TRP A 341 11.95 13.44 11.63
C TRP A 341 10.54 13.62 11.09
N THR A 342 10.03 14.84 11.20
CA THR A 342 8.67 15.16 10.79
C THR A 342 8.62 16.04 9.55
MN MN B . -10.15 7.35 -1.20
C1 U2F C . -9.12 8.27 3.89
O1 U2F C . -8.90 9.15 2.66
PB U2F C . -9.97 9.09 1.63
O1B U2F C . -10.15 10.49 1.10
O2B U2F C . -9.32 8.27 0.58
O3A U2F C . -11.39 8.55 2.04
PA U2F C . -12.46 7.67 1.32
O1A U2F C . -11.89 7.06 0.17
O2A U2F C . -13.58 8.64 1.08
O5' U2F C . -12.87 6.55 2.38
C5' U2F C . -11.90 5.56 2.71
C4' U2F C . -12.77 4.29 2.99
O4' U2F C . -13.64 4.44 4.13
C1' U2F C . -14.97 4.13 3.72
C2' U2F C . -15.07 4.39 2.24
C3' U2F C . -13.68 3.91 1.82
O3' U2F C . -13.66 2.50 1.60
O2' U2F C . -16.11 3.64 1.72
N1 U2F C . -15.86 4.97 4.55
C6' U2F C . -16.60 4.33 5.60
O6' U2F C . -16.50 3.14 5.83
N3 U2F C . -17.45 5.11 6.40
C7' U2F C . -17.60 6.48 6.20
O7' U2F C . -18.31 7.06 6.86
C8' U2F C . -16.88 7.10 5.16
C9' U2F C . -16.00 6.36 4.34
C2 U2F C . -8.74 8.51 5.25
F1 U2F C . -9.36 9.74 5.64
C3 U2F C . -7.18 8.79 5.41
O3 U2F C . -6.64 9.25 6.78
C4 U2F C . -6.40 7.50 4.95
O4 U2F C . -4.94 7.89 4.80
C5 U2F C . -7.01 6.98 3.47
C6 U2F C . -6.38 5.58 3.14
O6 U2F C . -6.82 5.07 1.87
O5 U2F C . -8.43 6.92 3.64
C1 GOL D . -19.35 -15.67 -4.74
O1 GOL D . -18.81 -15.47 -6.05
C2 GOL D . -18.67 -14.75 -3.73
O2 GOL D . -18.00 -13.68 -4.43
C3 GOL D . -19.64 -14.13 -2.75
O3 GOL D . -18.89 -13.60 -1.64
C1 GOL E . 1.58 -11.94 10.74
O1 GOL E . 1.70 -11.26 9.48
C2 GOL E . 2.44 -11.21 11.75
O2 GOL E . 2.20 -11.83 13.02
C3 GOL E . 3.93 -11.26 11.44
O3 GOL E . 4.67 -10.85 12.60
#